data_2F5W
#
_entry.id   2F5W
#
_cell.length_a   59.500
_cell.length_b   59.500
_cell.length_c   81.510
_cell.angle_alpha   90.00
_cell.angle_beta   90.00
_cell.angle_gamma   120.00
#
_symmetry.space_group_name_H-M   'P 32'
#
loop_
_entity.id
_entity.type
_entity.pdbx_description
1 polymer Ribonuclease
2 non-polymer 'ZINC ION'
3 non-polymer THIOUREA
4 water water
#
_entity_poly.entity_id   1
_entity_poly.type   'polypeptide(L)'
_entity_poly.pdbx_seq_one_letter_code
;VINTFDGVADYLQTYHKLPDNYITKSEAQALGWVASKGNLADVAPGKSIGGDIFSNREGKLPGKSGRTWREADINYTSGF
RNSDRILYSSDWLIYKTTDHYQTFTKIR
;
_entity_poly.pdbx_strand_id   A,B,C
#
loop_
_chem_comp.id
_chem_comp.type
_chem_comp.name
_chem_comp.formula
TOU non-polymer THIOUREA 'C H4 N2 S'
ZN non-polymer 'ZINC ION' 'Zn 2'
#
# COMPACT_ATOMS: atom_id res chain seq x y z
N VAL A 1 6.09 2.98 -2.70
CA VAL A 1 7.09 4.04 -2.60
C VAL A 1 6.71 5.22 -3.51
N ILE A 2 6.47 6.36 -2.89
CA ILE A 2 6.21 7.64 -3.50
C ILE A 2 7.47 8.51 -3.46
N ASN A 3 8.11 8.73 -4.61
CA ASN A 3 9.36 9.50 -4.53
C ASN A 3 9.58 10.30 -5.80
N THR A 4 8.44 10.74 -6.35
CA THR A 4 8.45 11.56 -7.55
C THR A 4 8.16 12.99 -7.16
N PHE A 5 8.54 13.97 -7.96
CA PHE A 5 8.26 15.37 -7.63
C PHE A 5 6.79 15.59 -7.37
N ASP A 6 5.96 15.09 -8.29
CA ASP A 6 4.51 15.37 -8.24
C ASP A 6 3.80 14.67 -7.10
N GLY A 7 4.11 13.41 -6.93
CA GLY A 7 3.69 12.47 -5.91
C GLY A 7 3.99 12.96 -4.51
N VAL A 8 5.25 13.36 -4.30
CA VAL A 8 5.58 13.87 -2.97
C VAL A 8 5.01 15.26 -2.75
N ALA A 9 5.05 16.09 -3.78
CA ALA A 9 4.47 17.42 -3.67
C ALA A 9 2.99 17.37 -3.28
N ASP A 10 2.22 16.55 -3.97
CA ASP A 10 0.81 16.36 -3.63
C ASP A 10 0.64 15.75 -2.25
N TYR A 11 1.41 14.71 -1.91
CA TYR A 11 1.27 14.12 -0.57
C TYR A 11 1.53 15.15 0.51
N LEU A 12 2.50 16.02 0.32
CA LEU A 12 2.86 16.95 1.38
C LEU A 12 1.76 17.98 1.64
N GLN A 13 1.18 18.51 0.56
CA GLN A 13 0.19 19.58 0.67
C GLN A 13 -1.12 19.10 1.28
N THR A 14 -1.45 17.84 1.07
CA THR A 14 -2.61 17.15 1.57
C THR A 14 -2.49 16.65 3.00
N TYR A 15 -1.51 15.77 3.23
CA TYR A 15 -1.37 15.13 4.53
C TYR A 15 -0.42 15.88 5.44
N HIS A 16 0.35 16.80 4.87
CA HIS A 16 1.25 17.65 5.62
C HIS A 16 2.38 16.87 6.29
N LYS A 17 2.82 15.82 5.62
CA LYS A 17 3.93 15.00 6.10
C LYS A 17 4.54 14.27 4.92
N LEU A 18 5.79 13.84 5.04
CA LEU A 18 6.35 13.03 3.95
C LEU A 18 5.79 11.62 4.01
N PRO A 19 5.74 10.94 2.87
CA PRO A 19 5.33 9.54 2.85
C PRO A 19 6.33 8.72 3.69
N ASP A 20 5.86 7.55 4.12
CA ASP A 20 6.58 6.77 5.12
C ASP A 20 7.88 6.19 4.56
N ASN A 21 8.19 6.35 3.28
CA ASN A 21 9.48 5.87 2.78
C ASN A 21 10.60 6.85 3.05
N TYR A 22 10.35 7.90 3.84
CA TYR A 22 11.43 8.84 4.08
C TYR A 22 12.04 8.79 5.46
N ILE A 23 13.35 8.96 5.54
CA ILE A 23 14.05 9.05 6.83
C ILE A 23 15.03 10.21 6.84
N THR A 24 15.27 10.80 8.00
CA THR A 24 16.23 11.91 8.05
C THR A 24 17.66 11.39 8.00
N LYS A 25 18.64 12.26 7.78
CA LYS A 25 20.02 11.77 7.66
C LYS A 25 20.46 11.12 8.97
N SER A 26 20.07 11.75 10.06
CA SER A 26 20.27 11.28 11.42
C SER A 26 19.88 9.81 11.63
N GLU A 27 18.68 9.48 11.26
CA GLU A 27 18.01 8.19 11.33
C GLU A 27 18.78 7.20 10.47
N ALA A 28 19.10 7.63 9.25
CA ALA A 28 19.87 6.83 8.32
C ALA A 28 21.24 6.51 8.89
N GLN A 29 21.89 7.51 9.47
CA GLN A 29 23.21 7.24 10.06
C GLN A 29 23.15 6.21 11.18
N ALA A 30 22.14 6.31 12.04
CA ALA A 30 21.96 5.36 13.11
C ALA A 30 21.77 3.95 12.60
N LEU A 31 21.26 3.79 11.38
CA LEU A 31 21.05 2.48 10.78
C LEU A 31 22.29 2.01 10.02
N GLY A 32 23.38 2.75 10.09
CA GLY A 32 24.59 2.32 9.42
C GLY A 32 24.79 2.90 8.04
N TRP A 33 24.07 3.97 7.70
CA TRP A 33 24.36 4.60 6.40
C TRP A 33 25.72 5.28 6.41
N VAL A 34 26.50 5.07 5.36
CA VAL A 34 27.77 5.76 5.19
C VAL A 34 27.70 6.52 3.87
N ALA A 35 27.60 7.84 3.93
CA ALA A 35 27.41 8.61 2.69
C ALA A 35 28.50 8.29 1.69
N SER A 36 29.73 8.17 2.15
CA SER A 36 30.88 7.89 1.30
C SER A 36 30.87 6.53 0.64
N LYS A 37 30.04 5.60 1.10
CA LYS A 37 29.94 4.27 0.53
C LYS A 37 28.70 4.11 -0.33
N GLY A 38 27.82 5.11 -0.28
CA GLY A 38 26.57 5.12 -1.02
C GLY A 38 25.75 3.88 -0.70
N ASN A 39 25.69 3.49 0.57
CA ASN A 39 25.06 2.20 0.89
C ASN A 39 23.66 2.30 1.47
N LEU A 40 22.98 3.43 1.33
CA LEU A 40 21.67 3.60 1.96
C LEU A 40 20.72 2.46 1.60
N ALA A 41 20.71 1.97 0.36
CA ALA A 41 19.80 0.91 -0.01
C ALA A 41 20.11 -0.43 0.66
N ASP A 42 21.34 -0.61 1.07
CA ASP A 42 21.73 -1.84 1.76
C ASP A 42 21.21 -1.85 3.19
N VAL A 43 21.22 -0.68 3.82
CA VAL A 43 20.92 -0.67 5.25
C VAL A 43 19.49 -0.21 5.48
N ALA A 44 18.85 0.38 4.48
CA ALA A 44 17.49 0.87 4.61
C ALA A 44 16.80 0.83 3.25
N PRO A 45 16.66 -0.39 2.74
CA PRO A 45 16.16 -0.58 1.37
C PRO A 45 14.79 0.07 1.24
N GLY A 46 14.48 0.67 0.11
CA GLY A 46 13.19 1.32 -0.02
C GLY A 46 13.11 2.69 0.60
N LYS A 47 14.07 3.09 1.44
CA LYS A 47 14.03 4.43 1.99
C LYS A 47 14.81 5.46 1.15
N SER A 48 14.42 6.70 1.35
CA SER A 48 15.09 7.88 0.82
C SER A 48 15.32 8.83 1.98
N ILE A 49 16.35 9.65 1.88
CA ILE A 49 16.60 10.70 2.84
C ILE A 49 15.61 11.84 2.62
N GLY A 50 15.07 12.39 3.70
CA GLY A 50 14.20 13.54 3.55
C GLY A 50 13.65 13.95 4.91
N GLY A 51 13.28 15.22 5.02
CA GLY A 51 12.66 15.75 6.22
C GLY A 51 13.58 16.66 6.99
N ASP A 52 14.85 16.71 6.59
CA ASP A 52 15.75 17.58 7.33
C ASP A 52 15.48 19.04 6.97
N ILE A 53 15.80 19.87 7.95
CA ILE A 53 15.75 21.31 7.79
C ILE A 53 16.74 21.81 6.74
N PHE A 54 16.25 22.72 5.90
CA PHE A 54 17.10 23.31 4.88
C PHE A 54 17.39 24.75 5.27
N SER A 55 18.66 25.13 5.37
CA SER A 55 18.93 26.41 6.03
C SER A 55 18.75 27.61 5.10
N ASN A 56 18.68 27.44 3.79
CA ASN A 56 18.38 28.56 2.89
C ASN A 56 19.30 29.75 3.13
N ARG A 57 20.57 29.46 3.39
CA ARG A 57 21.53 30.51 3.76
C ARG A 57 21.75 31.49 2.61
N GLU A 58 21.65 31.00 1.38
CA GLU A 58 21.77 31.84 0.19
C GLU A 58 20.47 32.59 -0.06
N GLY A 59 19.50 32.35 0.83
CA GLY A 59 18.25 33.08 0.81
C GLY A 59 17.59 33.06 -0.55
N LYS A 60 17.79 31.98 -1.30
CA LYS A 60 17.16 31.86 -2.60
C LYS A 60 15.67 31.56 -2.50
N LEU A 61 15.25 30.81 -1.48
CA LEU A 61 13.82 30.53 -1.32
C LEU A 61 13.17 31.66 -0.53
N PRO A 62 11.93 31.99 -0.86
CA PRO A 62 11.25 33.12 -0.22
C PRO A 62 11.19 32.97 1.30
N GLY A 63 11.63 34.01 2.01
CA GLY A 63 11.64 33.96 3.46
C GLY A 63 10.37 34.54 4.06
N LYS A 64 10.14 34.23 5.34
CA LYS A 64 8.97 34.71 6.06
C LYS A 64 9.08 34.34 7.53
N SER A 65 8.82 35.31 8.41
CA SER A 65 8.91 35.05 9.85
C SER A 65 8.05 33.85 10.21
N GLY A 66 8.67 32.91 10.91
CA GLY A 66 7.96 31.69 11.27
C GLY A 66 8.05 30.63 10.18
N ARG A 67 8.54 31.01 8.99
CA ARG A 67 8.58 29.99 7.94
C ARG A 67 9.88 29.19 8.00
N THR A 68 9.77 27.89 8.00
CA THR A 68 10.76 26.84 8.00
C THR A 68 10.73 26.06 6.69
N TRP A 69 11.89 25.87 6.08
CA TRP A 69 12.09 25.08 4.87
C TRP A 69 12.72 23.73 5.17
N ARG A 70 12.17 22.68 4.57
CA ARG A 70 12.71 21.34 4.68
C ARG A 70 12.97 20.79 3.30
N GLU A 71 13.66 19.67 3.20
CA GLU A 71 14.01 19.09 1.92
C GLU A 71 13.80 17.57 1.96
N ALA A 72 13.68 16.99 0.77
CA ALA A 72 13.63 15.54 0.66
C ALA A 72 14.20 15.16 -0.70
N ASP A 73 14.80 13.99 -0.75
CA ASP A 73 15.42 13.52 -1.99
C ASP A 73 14.32 13.01 -2.91
N ILE A 74 14.47 13.28 -4.20
CA ILE A 74 13.50 12.82 -5.17
C ILE A 74 14.17 11.88 -6.15
N ASN A 75 13.43 10.90 -6.67
CA ASN A 75 13.94 9.96 -7.63
C ASN A 75 15.10 9.10 -7.13
N TYR A 76 15.29 8.95 -5.82
CA TYR A 76 16.38 8.12 -5.34
C TYR A 76 15.99 6.64 -5.37
N THR A 77 16.88 5.76 -5.79
CA THR A 77 16.56 4.34 -5.72
C THR A 77 17.62 3.55 -4.96
N SER A 78 18.88 3.75 -5.34
CA SER A 78 20.01 3.06 -4.75
C SER A 78 21.31 3.78 -5.08
N GLY A 79 22.37 3.45 -4.32
CA GLY A 79 23.67 4.04 -4.57
C GLY A 79 23.81 5.38 -3.86
N PHE A 80 24.72 6.19 -4.38
CA PHE A 80 24.94 7.56 -3.97
C PHE A 80 23.71 8.42 -4.25
N ARG A 81 23.50 9.45 -3.44
CA ARG A 81 22.37 10.34 -3.67
C ARG A 81 22.52 11.13 -4.96
N ASN A 82 21.39 11.50 -5.54
CA ASN A 82 21.37 12.25 -6.80
C ASN A 82 21.29 13.73 -6.51
N SER A 83 21.02 14.56 -7.50
CA SER A 83 20.95 16.00 -7.32
C SER A 83 19.53 16.57 -7.24
N ASP A 84 18.52 15.70 -7.19
CA ASP A 84 17.12 16.06 -7.15
C ASP A 84 16.55 16.21 -5.75
N ARG A 85 16.04 17.39 -5.44
CA ARG A 85 15.44 17.63 -4.15
C ARG A 85 14.12 18.42 -4.30
N ILE A 86 13.20 18.05 -3.41
CA ILE A 86 11.98 18.82 -3.19
C ILE A 86 12.25 19.67 -1.96
N LEU A 87 11.87 20.92 -2.04
CA LEU A 87 12.01 21.88 -0.96
C LEU A 87 10.60 22.32 -0.55
N TYR A 88 10.23 22.21 0.72
CA TYR A 88 8.87 22.54 1.11
C TYR A 88 8.84 23.34 2.40
N SER A 89 8.03 24.40 2.41
CA SER A 89 7.93 25.26 3.58
C SER A 89 6.83 24.79 4.53
N SER A 90 6.84 25.35 5.72
CA SER A 90 5.79 25.06 6.68
C SER A 90 4.44 25.59 6.20
N ASP A 91 4.41 26.44 5.19
CA ASP A 91 3.11 26.91 4.72
C ASP A 91 2.80 26.31 3.34
N TRP A 92 3.47 25.20 3.10
CA TRP A 92 3.30 24.28 1.99
C TRP A 92 3.55 24.83 0.61
N LEU A 93 4.37 25.86 0.48
CA LEU A 93 5.07 26.19 -0.75
C LEU A 93 6.03 25.04 -1.13
N ILE A 94 5.98 24.62 -2.37
CA ILE A 94 6.84 23.53 -2.83
C ILE A 94 7.67 24.00 -4.01
N TYR A 95 8.97 23.85 -3.84
CA TYR A 95 9.92 24.19 -4.90
C TYR A 95 10.72 22.97 -5.30
N LYS A 96 11.30 22.96 -6.49
CA LYS A 96 12.18 21.82 -6.79
C LYS A 96 13.55 22.29 -7.25
N THR A 97 14.52 21.41 -7.03
CA THR A 97 15.86 21.63 -7.58
C THR A 97 16.32 20.29 -8.15
N THR A 98 16.98 20.35 -9.28
CA THR A 98 17.62 19.22 -9.92
C THR A 98 19.11 19.51 -10.05
N ASP A 99 19.59 20.53 -9.35
CA ASP A 99 21.00 20.88 -9.57
C ASP A 99 21.70 21.17 -8.25
N HIS A 100 21.36 20.37 -7.25
CA HIS A 100 21.99 20.47 -5.94
C HIS A 100 21.84 21.86 -5.33
N TYR A 101 20.60 22.34 -5.25
CA TYR A 101 20.31 23.51 -4.46
C TYR A 101 20.97 24.77 -5.03
N GLN A 102 21.33 24.77 -6.29
CA GLN A 102 21.83 25.98 -6.93
C GLN A 102 20.67 26.82 -7.47
N THR A 103 19.79 26.21 -8.27
CA THR A 103 18.60 26.88 -8.77
C THR A 103 17.32 26.19 -8.31
N PHE A 104 16.31 27.00 -8.03
CA PHE A 104 15.03 26.49 -7.59
C PHE A 104 13.87 27.08 -8.41
N THR A 105 12.87 26.27 -8.66
CA THR A 105 11.65 26.74 -9.33
C THR A 105 10.40 26.19 -8.63
N LYS A 106 9.33 26.96 -8.65
CA LYS A 106 8.12 26.57 -7.91
C LYS A 106 7.37 25.46 -8.60
N ILE A 107 6.92 24.44 -7.86
CA ILE A 107 6.10 23.41 -8.48
C ILE A 107 4.73 23.29 -7.82
N ARG A 108 4.48 23.92 -6.69
CA ARG A 108 3.15 24.08 -6.10
C ARG A 108 3.10 25.42 -5.34
N VAL B 1 -13.13 -19.40 -26.96
CA VAL B 1 -13.01 -18.12 -26.28
C VAL B 1 -12.57 -18.29 -24.82
N ILE B 2 -12.06 -17.19 -24.25
CA ILE B 2 -11.64 -17.30 -22.85
C ILE B 2 -12.72 -16.69 -21.97
N ASN B 3 -13.41 -17.45 -21.12
CA ASN B 3 -14.48 -16.80 -20.37
C ASN B 3 -14.72 -17.47 -19.03
N THR B 4 -13.68 -18.09 -18.48
CA THR B 4 -13.76 -18.72 -17.17
C THR B 4 -13.02 -17.85 -16.16
N PHE B 5 -13.27 -18.08 -14.88
CA PHE B 5 -12.71 -17.23 -13.85
C PHE B 5 -11.18 -17.23 -13.90
N ASP B 6 -10.58 -18.40 -14.05
CA ASP B 6 -9.12 -18.53 -14.01
C ASP B 6 -8.43 -18.00 -15.25
N GLY B 7 -8.92 -18.37 -16.42
CA GLY B 7 -8.50 -17.94 -17.74
C GLY B 7 -8.59 -16.43 -17.88
N VAL B 8 -9.72 -15.85 -17.47
CA VAL B 8 -9.83 -14.39 -17.63
C VAL B 8 -8.96 -13.69 -16.60
N ALA B 9 -8.83 -14.28 -15.42
CA ALA B 9 -8.02 -13.60 -14.41
C ALA B 9 -6.56 -13.58 -14.83
N ASP B 10 -6.09 -14.70 -15.37
CA ASP B 10 -4.68 -14.77 -15.75
C ASP B 10 -4.42 -13.84 -16.94
N TYR B 11 -5.39 -13.84 -17.86
CA TYR B 11 -5.26 -12.97 -19.02
C TYR B 11 -5.12 -11.52 -18.59
N LEU B 12 -5.95 -11.07 -17.66
CA LEU B 12 -5.96 -9.69 -17.19
C LEU B 12 -4.63 -9.28 -16.55
N GLN B 13 -4.11 -10.07 -15.63
CA GLN B 13 -2.92 -9.69 -14.87
C GLN B 13 -1.67 -9.63 -15.75
N THR B 14 -1.71 -10.40 -16.84
CA THR B 14 -0.62 -10.45 -17.79
C THR B 14 -0.75 -9.40 -18.88
N TYR B 15 -1.90 -9.36 -19.54
CA TYR B 15 -2.04 -8.48 -20.70
C TYR B 15 -2.77 -7.19 -20.39
N HIS B 16 -3.36 -7.13 -19.21
CA HIS B 16 -3.99 -5.93 -18.70
C HIS B 16 -5.18 -5.50 -19.54
N LYS B 17 -5.84 -6.49 -20.13
CA LYS B 17 -7.06 -6.18 -20.87
C LYS B 17 -7.87 -7.47 -21.00
N LEU B 18 -9.14 -7.33 -21.35
CA LEU B 18 -9.96 -8.54 -21.49
C LEU B 18 -9.61 -9.23 -22.81
N PRO B 19 -9.84 -10.52 -22.86
CA PRO B 19 -9.76 -11.28 -24.11
C PRO B 19 -10.70 -10.68 -25.14
N ASP B 20 -10.45 -11.00 -26.40
CA ASP B 20 -11.11 -10.36 -27.53
C ASP B 20 -12.58 -10.72 -27.66
N ASN B 21 -13.06 -11.68 -26.88
CA ASN B 21 -14.45 -12.09 -26.95
C ASN B 21 -15.34 -11.21 -26.08
N TYR B 22 -14.79 -10.09 -25.62
CA TYR B 22 -15.52 -9.19 -24.74
C TYR B 22 -15.84 -7.88 -25.42
N ILE B 23 -17.04 -7.40 -25.16
CA ILE B 23 -17.44 -6.08 -25.64
C ILE B 23 -18.19 -5.38 -24.52
N THR B 24 -18.16 -4.05 -24.50
CA THR B 24 -18.83 -3.37 -23.40
C THR B 24 -20.33 -3.33 -23.69
N LYS B 25 -21.11 -2.96 -22.70
CA LYS B 25 -22.55 -2.82 -22.86
C LYS B 25 -22.91 -1.87 -24.00
N SER B 26 -22.14 -0.79 -24.16
CA SER B 26 -22.44 0.20 -25.19
C SER B 26 -22.26 -0.33 -26.60
N GLU B 27 -21.15 -1.01 -26.83
CA GLU B 27 -20.77 -1.69 -28.03
C GLU B 27 -21.86 -2.70 -28.38
N ALA B 28 -22.26 -3.47 -27.39
CA ALA B 28 -23.29 -4.49 -27.56
C ALA B 28 -24.61 -3.85 -28.03
N GLN B 29 -24.98 -2.80 -27.31
CA GLN B 29 -26.24 -2.13 -27.65
C GLN B 29 -26.15 -1.59 -29.07
N ALA B 30 -24.96 -1.16 -29.47
CA ALA B 30 -24.72 -0.66 -30.82
C ALA B 30 -24.97 -1.73 -31.88
N LEU B 31 -24.79 -3.00 -31.49
CA LEU B 31 -24.97 -4.08 -32.43
C LEU B 31 -26.39 -4.61 -32.48
N GLY B 32 -27.28 -4.08 -31.64
CA GLY B 32 -28.63 -4.61 -31.63
C GLY B 32 -28.89 -5.57 -30.49
N TRP B 33 -28.03 -5.61 -29.49
CA TRP B 33 -28.33 -6.34 -28.26
C TRP B 33 -29.50 -5.70 -27.52
N VAL B 34 -30.50 -6.47 -27.15
CA VAL B 34 -31.64 -6.01 -26.37
C VAL B 34 -31.65 -6.83 -25.08
N ALA B 35 -31.24 -6.25 -23.97
CA ALA B 35 -31.12 -6.97 -22.72
C ALA B 35 -32.40 -7.72 -22.39
N SER B 36 -33.53 -7.07 -22.62
CA SER B 36 -34.83 -7.66 -22.31
C SER B 36 -35.16 -8.90 -23.14
N LYS B 37 -34.49 -9.14 -24.25
CA LYS B 37 -34.70 -10.30 -25.09
C LYS B 37 -33.68 -11.40 -24.85
N GLY B 38 -32.59 -11.07 -24.16
CA GLY B 38 -31.55 -12.08 -23.99
C GLY B 38 -30.97 -12.57 -25.32
N ASN B 39 -30.74 -11.69 -26.29
CA ASN B 39 -30.33 -12.05 -27.64
C ASN B 39 -28.86 -11.80 -27.98
N LEU B 40 -27.98 -11.65 -26.99
CA LEU B 40 -26.60 -11.27 -27.28
C LEU B 40 -25.89 -12.29 -28.14
N ALA B 41 -26.05 -13.57 -27.87
CA ALA B 41 -25.46 -14.61 -28.70
C ALA B 41 -26.00 -14.53 -30.12
N ASP B 42 -27.18 -13.95 -30.30
CA ASP B 42 -27.74 -13.88 -31.64
C ASP B 42 -27.11 -12.75 -32.44
N VAL B 43 -26.92 -11.59 -31.81
CA VAL B 43 -26.41 -10.47 -32.62
C VAL B 43 -24.88 -10.49 -32.75
N ALA B 44 -24.18 -10.98 -31.76
CA ALA B 44 -22.73 -11.04 -31.70
C ALA B 44 -22.31 -12.41 -31.17
N PRO B 45 -22.38 -13.43 -31.99
CA PRO B 45 -22.05 -14.77 -31.51
C PRO B 45 -20.60 -14.80 -30.98
N GLY B 46 -20.43 -15.44 -29.83
CA GLY B 46 -19.11 -15.60 -29.26
C GLY B 46 -18.72 -14.52 -28.28
N LYS B 47 -19.47 -13.41 -28.27
CA LYS B 47 -19.09 -12.33 -27.37
C LYS B 47 -19.77 -12.42 -26.02
N SER B 48 -19.12 -11.80 -25.04
CA SER B 48 -19.63 -11.69 -23.68
C SER B 48 -19.59 -10.22 -23.29
N ILE B 49 -20.42 -9.75 -22.36
CA ILE B 49 -20.31 -8.38 -21.88
C ILE B 49 -19.16 -8.21 -20.89
N GLY B 50 -18.36 -7.16 -21.02
CA GLY B 50 -17.31 -6.91 -20.07
C GLY B 50 -16.51 -5.65 -20.34
N GLY B 51 -15.88 -5.09 -19.33
CA GLY B 51 -15.00 -3.96 -19.48
C GLY B 51 -15.54 -2.71 -18.83
N ASP B 52 -16.77 -2.79 -18.33
CA ASP B 52 -17.43 -1.62 -17.78
C ASP B 52 -17.00 -1.34 -16.34
N ILE B 53 -17.03 -0.05 -16.00
CA ILE B 53 -16.71 0.37 -14.65
C ILE B 53 -17.76 -0.14 -13.68
N PHE B 54 -17.28 -0.64 -12.55
CA PHE B 54 -18.11 -1.10 -11.44
C PHE B 54 -17.97 -0.11 -10.30
N SER B 55 -19.08 0.48 -9.86
CA SER B 55 -18.88 1.61 -8.94
C SER B 55 -18.51 1.19 -7.53
N ASN B 56 -18.67 -0.06 -7.12
CA ASN B 56 -18.37 -0.47 -5.75
C ASN B 56 -19.05 0.43 -4.72
N ARG B 57 -20.32 0.67 -4.96
CA ARG B 57 -21.22 1.48 -4.16
C ARG B 57 -21.31 1.01 -2.72
N GLU B 58 -21.41 -0.28 -2.46
CA GLU B 58 -21.51 -0.83 -1.12
C GLU B 58 -20.18 -0.95 -0.38
N GLY B 59 -19.11 -0.49 -1.01
CA GLY B 59 -17.77 -0.64 -0.48
C GLY B 59 -17.36 -2.07 -0.22
N LYS B 60 -17.93 -3.03 -0.93
CA LYS B 60 -17.62 -4.41 -0.63
C LYS B 60 -16.24 -4.81 -1.17
N LEU B 61 -15.76 -4.08 -2.16
CA LEU B 61 -14.42 -4.36 -2.68
C LEU B 61 -13.43 -3.40 -2.02
N PRO B 62 -12.21 -3.82 -1.75
CA PRO B 62 -11.29 -2.94 -1.03
C PRO B 62 -10.90 -1.74 -1.88
N GLY B 63 -11.07 -0.57 -1.25
CA GLY B 63 -10.71 0.70 -1.84
C GLY B 63 -9.27 1.05 -1.51
N LYS B 64 -8.67 1.77 -2.44
CA LYS B 64 -7.33 2.32 -2.32
C LYS B 64 -7.31 3.62 -3.10
N SER B 65 -6.36 4.50 -2.82
CA SER B 65 -6.35 5.77 -3.55
C SER B 65 -6.13 5.55 -5.04
N GLY B 66 -6.98 6.15 -5.85
CA GLY B 66 -6.84 6.11 -7.30
C GLY B 66 -7.28 4.79 -7.91
N ARG B 67 -7.69 3.83 -7.08
CA ARG B 67 -8.09 2.52 -7.56
C ARG B 67 -9.50 2.52 -8.12
N THR B 68 -9.62 2.03 -9.33
CA THR B 68 -10.91 1.83 -9.98
C THR B 68 -11.08 0.35 -10.29
N TRP B 69 -12.35 -0.02 -10.26
CA TRP B 69 -12.79 -1.38 -10.47
C TRP B 69 -13.56 -1.54 -11.78
N ARG B 70 -13.38 -2.67 -12.43
CA ARG B 70 -14.18 -2.96 -13.62
C ARG B 70 -14.72 -4.38 -13.51
N GLU B 71 -15.64 -4.76 -14.38
CA GLU B 71 -16.28 -6.06 -14.32
C GLU B 71 -16.35 -6.65 -15.73
N ALA B 72 -16.55 -7.95 -15.81
CA ALA B 72 -16.71 -8.74 -17.01
C ALA B 72 -17.57 -9.95 -16.66
N ASP B 73 -18.44 -10.33 -17.60
CA ASP B 73 -19.27 -11.50 -17.39
C ASP B 73 -18.40 -12.74 -17.54
N ILE B 74 -18.68 -13.74 -16.73
CA ILE B 74 -18.01 -15.02 -16.77
C ILE B 74 -19.00 -16.14 -17.05
N ASN B 75 -18.55 -17.17 -17.76
CA ASN B 75 -19.36 -18.35 -17.97
C ASN B 75 -20.56 -18.12 -18.88
N TYR B 76 -20.56 -17.03 -19.63
CA TYR B 76 -21.71 -16.77 -20.51
C TYR B 76 -21.56 -17.43 -21.86
N THR B 77 -22.63 -18.08 -22.34
CA THR B 77 -22.67 -18.56 -23.71
C THR B 77 -23.86 -18.04 -24.49
N SER B 78 -25.04 -18.02 -23.90
CA SER B 78 -26.20 -17.52 -24.63
C SER B 78 -27.30 -17.16 -23.64
N GLY B 79 -28.34 -16.46 -24.10
CA GLY B 79 -29.44 -16.17 -23.20
C GLY B 79 -29.28 -14.86 -22.47
N PHE B 80 -30.04 -14.73 -21.40
CA PHE B 80 -29.94 -13.58 -20.54
C PHE B 80 -28.60 -13.66 -19.81
N ARG B 81 -28.06 -12.54 -19.37
CA ARG B 81 -26.82 -12.61 -18.59
C ARG B 81 -27.00 -13.39 -17.31
N ASN B 82 -25.96 -14.13 -16.92
CA ASN B 82 -26.04 -14.96 -15.72
C ASN B 82 -25.64 -14.16 -14.48
N SER B 83 -25.26 -14.82 -13.40
CA SER B 83 -24.94 -14.09 -12.18
C SER B 83 -23.46 -14.02 -11.88
N ASP B 84 -22.65 -14.51 -12.82
CA ASP B 84 -21.21 -14.60 -12.58
C ASP B 84 -20.42 -13.44 -13.17
N ARG B 85 -19.59 -12.82 -12.33
CA ARG B 85 -18.77 -11.74 -12.81
C ARG B 85 -17.36 -11.78 -12.21
N ILE B 86 -16.41 -11.30 -13.00
CA ILE B 86 -15.08 -11.05 -12.48
C ILE B 86 -14.96 -9.55 -12.24
N LEU B 87 -14.38 -9.14 -11.13
CA LEU B 87 -14.13 -7.77 -10.75
C LEU B 87 -12.61 -7.57 -10.68
N TYR B 88 -12.09 -6.60 -11.41
CA TYR B 88 -10.64 -6.42 -11.46
C TYR B 88 -10.35 -4.94 -11.28
N SER B 89 -9.29 -4.69 -10.51
CA SER B 89 -8.89 -3.34 -10.19
C SER B 89 -7.73 -2.92 -11.09
N SER B 90 -7.51 -1.63 -11.09
CA SER B 90 -6.46 -0.98 -11.86
C SER B 90 -5.08 -1.42 -11.37
N ASP B 91 -5.00 -1.98 -10.17
CA ASP B 91 -3.74 -2.57 -9.73
C ASP B 91 -3.79 -4.09 -9.64
N TRP B 92 -4.69 -4.67 -10.41
CA TRP B 92 -4.82 -6.08 -10.72
C TRP B 92 -5.09 -7.01 -9.54
N LEU B 93 -5.86 -6.55 -8.58
CA LEU B 93 -6.58 -7.39 -7.65
C LEU B 93 -7.77 -7.99 -8.42
N ILE B 94 -8.01 -9.29 -8.28
CA ILE B 94 -9.11 -9.93 -8.98
C ILE B 94 -10.06 -10.59 -7.98
N TYR B 95 -11.34 -10.27 -8.07
CA TYR B 95 -12.39 -10.83 -7.22
C TYR B 95 -13.40 -11.50 -8.13
N LYS B 96 -14.18 -12.41 -7.58
CA LYS B 96 -15.24 -13.05 -8.36
C LYS B 96 -16.55 -12.93 -7.57
N THR B 97 -17.65 -12.87 -8.29
CA THR B 97 -18.97 -12.98 -7.65
C THR B 97 -19.80 -13.98 -8.42
N THR B 98 -20.60 -14.78 -7.73
CA THR B 98 -21.44 -15.71 -8.46
C THR B 98 -22.91 -15.45 -8.13
N ASP B 99 -23.15 -14.34 -7.44
CA ASP B 99 -24.51 -14.03 -6.99
C ASP B 99 -24.96 -12.61 -7.28
N HIS B 100 -24.73 -12.14 -8.50
CA HIS B 100 -25.06 -10.79 -8.88
C HIS B 100 -24.50 -9.76 -7.91
N TYR B 101 -23.21 -9.85 -7.61
CA TYR B 101 -22.56 -8.75 -6.90
C TYR B 101 -23.03 -8.68 -5.46
N GLN B 102 -23.65 -9.73 -4.94
CA GLN B 102 -24.01 -9.62 -3.51
C GLN B 102 -22.80 -9.95 -2.66
N THR B 103 -22.04 -10.96 -3.05
CA THR B 103 -20.82 -11.24 -2.29
C THR B 103 -19.66 -11.47 -3.25
N PHE B 104 -18.46 -11.28 -2.70
CA PHE B 104 -17.23 -11.38 -3.48
C PHE B 104 -16.13 -12.21 -2.81
N THR B 105 -15.34 -12.87 -3.63
CA THR B 105 -14.26 -13.73 -3.17
C THR B 105 -13.01 -13.32 -3.93
N LYS B 106 -11.94 -13.09 -3.21
CA LYS B 106 -10.67 -12.76 -3.84
C LYS B 106 -10.07 -13.96 -4.55
N ILE B 107 -9.62 -13.83 -5.79
CA ILE B 107 -9.00 -14.97 -6.45
C ILE B 107 -7.61 -14.69 -7.00
N ARG B 108 -7.14 -13.45 -7.02
CA ARG B 108 -5.78 -13.11 -7.43
C ARG B 108 -5.38 -11.86 -6.60
N VAL C 1 7.23 -19.17 7.46
CA VAL C 1 7.02 -17.94 8.18
C VAL C 1 7.48 -18.06 9.64
N ILE C 2 7.92 -16.92 10.15
CA ILE C 2 8.27 -16.78 11.56
C ILE C 2 7.21 -15.95 12.27
N ASN C 3 6.50 -16.55 13.22
CA ASN C 3 5.42 -15.86 13.92
C ASN C 3 5.30 -16.26 15.39
N THR C 4 6.43 -16.66 15.98
CA THR C 4 6.46 -17.03 17.40
C THR C 4 7.19 -15.94 18.17
N PHE C 5 7.04 -15.91 19.49
CA PHE C 5 7.67 -14.84 20.25
C PHE C 5 9.18 -14.85 20.12
N ASP C 6 9.80 -16.00 20.33
CA ASP C 6 11.26 -16.04 20.28
C ASP C 6 11.81 -15.78 18.88
N GLY C 7 11.25 -16.46 17.90
CA GLY C 7 11.64 -16.35 16.50
C GLY C 7 11.58 -14.92 16.05
N VAL C 8 10.43 -14.29 16.31
CA VAL C 8 10.30 -12.90 15.87
C VAL C 8 11.20 -12.00 16.70
N ALA C 9 11.30 -12.26 18.01
CA ALA C 9 12.16 -11.39 18.81
C ALA C 9 13.61 -11.42 18.31
N ASP C 10 14.13 -12.60 18.01
CA ASP C 10 15.55 -12.67 17.60
C ASP C 10 15.77 -12.07 16.23
N TYR C 11 14.83 -12.34 15.32
CA TYR C 11 14.86 -11.77 13.99
C TYR C 11 15.00 -10.25 14.08
N LEU C 12 14.15 -9.67 14.94
CA LEU C 12 14.12 -8.22 15.05
C LEU C 12 15.43 -7.64 15.57
N GLN C 13 16.03 -8.28 16.57
CA GLN C 13 17.22 -7.68 17.19
C GLN C 13 18.44 -7.71 16.26
N THR C 14 18.54 -8.74 15.45
CA THR C 14 19.57 -9.03 14.48
C THR C 14 19.40 -8.29 13.16
N TYR C 15 18.18 -8.37 12.62
CA TYR C 15 17.94 -7.84 11.28
C TYR C 15 17.25 -6.49 11.32
N HIS C 16 16.77 -6.08 12.49
CA HIS C 16 16.21 -4.74 12.57
C HIS C 16 14.98 -4.59 11.70
N LYS C 17 14.31 -5.69 11.41
CA LYS C 17 13.00 -5.59 10.76
C LYS C 17 12.18 -6.85 11.00
N LEU C 18 10.88 -6.77 10.73
CA LEU C 18 10.05 -7.96 10.82
C LEU C 18 10.35 -8.97 9.71
N PRO C 19 10.12 -10.24 9.96
CA PRO C 19 10.18 -11.27 8.92
C PRO C 19 9.18 -11.00 7.79
N ASP C 20 9.34 -11.70 6.67
CA ASP C 20 8.62 -11.36 5.46
C ASP C 20 7.13 -11.71 5.50
N ASN C 21 6.70 -12.46 6.51
CA ASN C 21 5.29 -12.84 6.61
C ASN C 21 4.45 -11.73 7.24
N TYR C 22 5.03 -10.58 7.54
CA TYR C 22 4.31 -9.49 8.17
C TYR C 22 3.94 -8.38 7.21
N ILE C 23 2.72 -7.87 7.39
CA ILE C 23 2.23 -6.75 6.63
C ILE C 23 1.54 -5.78 7.60
N THR C 24 1.57 -4.50 7.31
CA THR C 24 0.90 -3.54 8.17
C THR C 24 -0.59 -3.54 7.90
N LYS C 25 -1.32 -2.91 8.80
CA LYS C 25 -2.78 -2.86 8.70
C LYS C 25 -3.18 -2.20 7.40
N SER C 26 -2.48 -1.11 7.06
CA SER C 26 -2.84 -0.39 5.85
C SER C 26 -2.63 -1.19 4.58
N GLU C 27 -1.57 -1.95 4.41
CA GLU C 27 -1.23 -2.84 3.32
C GLU C 27 -2.26 -3.97 3.28
N ALA C 28 -2.62 -4.48 4.46
CA ALA C 28 -3.54 -5.60 4.50
C ALA C 28 -4.89 -5.18 3.95
N GLN C 29 -5.37 -4.05 4.46
CA GLN C 29 -6.63 -3.44 4.06
C GLN C 29 -6.67 -3.27 2.53
N ALA C 30 -5.61 -2.70 1.96
CA ALA C 30 -5.51 -2.48 0.52
C ALA C 30 -5.62 -3.79 -0.24
N LEU C 31 -5.14 -4.89 0.35
CA LEU C 31 -5.27 -6.12 -0.45
C LEU C 31 -6.51 -6.92 -0.08
N GLY C 32 -7.48 -6.33 0.61
CA GLY C 32 -8.75 -6.98 0.87
C GLY C 32 -9.03 -7.39 2.29
N TRP C 33 -8.16 -7.08 3.26
CA TRP C 33 -8.48 -7.45 4.63
C TRP C 33 -9.61 -6.57 5.18
N VAL C 34 -10.60 -7.25 5.73
CA VAL C 34 -11.72 -6.61 6.41
C VAL C 34 -11.77 -7.15 7.82
N ALA C 35 -11.43 -6.33 8.80
CA ALA C 35 -11.22 -6.85 10.16
C ALA C 35 -12.49 -7.53 10.66
N SER C 36 -13.62 -6.89 10.39
CA SER C 36 -14.93 -7.34 10.85
C SER C 36 -15.31 -8.68 10.27
N LYS C 37 -14.71 -9.07 9.16
CA LYS C 37 -15.00 -10.40 8.63
C LYS C 37 -13.94 -11.42 9.03
N GLY C 38 -12.92 -11.03 9.81
CA GLY C 38 -11.87 -11.97 10.14
C GLY C 38 -11.28 -12.75 8.97
N ASN C 39 -11.04 -12.08 7.85
CA ASN C 39 -10.67 -12.73 6.60
C ASN C 39 -9.20 -12.63 6.20
N LEU C 40 -8.31 -12.36 7.15
CA LEU C 40 -6.93 -12.10 6.74
C LEU C 40 -6.33 -13.31 6.03
N ALA C 41 -6.54 -14.52 6.55
CA ALA C 41 -6.01 -15.73 5.93
C ALA C 41 -6.61 -16.01 4.56
N ASP C 42 -7.79 -15.47 4.28
CA ASP C 42 -8.37 -15.69 2.96
C ASP C 42 -7.80 -14.78 1.88
N VAL C 43 -7.48 -13.54 2.21
CA VAL C 43 -6.95 -12.58 1.26
C VAL C 43 -5.43 -12.50 1.29
N ALA C 44 -4.78 -13.03 2.32
CA ALA C 44 -3.31 -13.03 2.35
C ALA C 44 -2.80 -14.21 3.15
N PRO C 45 -2.95 -15.39 2.57
CA PRO C 45 -2.57 -16.61 3.26
C PRO C 45 -1.09 -16.51 3.65
N GLY C 46 -0.84 -16.88 4.89
CA GLY C 46 0.46 -16.96 5.52
C GLY C 46 0.96 -15.68 6.14
N LYS C 47 0.25 -14.58 5.95
CA LYS C 47 0.64 -13.28 6.45
C LYS C 47 0.02 -12.98 7.82
N SER C 48 0.69 -12.10 8.56
CA SER C 48 0.20 -11.63 9.85
C SER C 48 0.26 -10.10 9.82
N ILE C 49 -0.53 -9.47 10.65
CA ILE C 49 -0.45 -8.03 10.82
C ILE C 49 0.77 -7.69 11.69
N GLY C 50 1.61 -6.76 11.27
CA GLY C 50 2.72 -6.35 12.11
C GLY C 50 3.42 -5.14 11.51
N GLY C 51 4.06 -4.36 12.38
CA GLY C 51 4.87 -3.26 11.93
C GLY C 51 4.34 -1.89 12.26
N ASP C 52 3.11 -1.83 12.77
CA ASP C 52 2.51 -0.53 13.07
C ASP C 52 2.98 0.02 14.42
N ILE C 53 2.96 1.34 14.51
CA ILE C 53 3.25 2.16 15.67
C ILE C 53 2.27 1.82 16.79
N PHE C 54 2.78 1.63 17.99
CA PHE C 54 1.99 1.42 19.19
C PHE C 54 2.19 2.65 20.05
N SER C 55 1.14 3.28 20.54
CA SER C 55 1.36 4.58 21.15
C SER C 55 1.77 4.48 22.61
N ASN C 56 1.55 3.36 23.29
CA ASN C 56 1.97 3.30 24.69
C ASN C 56 1.32 4.40 25.53
N ARG C 57 0.08 4.73 25.23
CA ARG C 57 -0.63 5.81 25.89
C ARG C 57 -0.61 5.68 27.40
N GLU C 58 -0.64 4.45 27.91
CA GLU C 58 -0.73 4.29 29.37
C GLU C 58 0.65 4.24 30.01
N GLY C 59 1.69 4.46 29.23
CA GLY C 59 3.04 4.46 29.78
C GLY C 59 3.44 3.13 30.39
N LYS C 60 2.81 2.04 29.96
CA LYS C 60 3.13 0.72 30.49
C LYS C 60 4.46 0.19 29.96
N LEU C 61 4.88 0.60 28.78
CA LEU C 61 6.22 0.18 28.32
C LEU C 61 7.20 1.28 28.65
N PRO C 62 8.48 0.97 28.81
CA PRO C 62 9.45 2.02 29.16
C PRO C 62 9.57 3.09 28.08
N GLY C 63 9.44 4.32 28.54
CA GLY C 63 9.53 5.51 27.73
C GLY C 63 10.94 6.09 27.77
N LYS C 64 11.30 6.71 26.66
CA LYS C 64 12.56 7.41 26.53
C LYS C 64 12.42 8.36 25.34
N SER C 65 13.03 9.54 25.44
CA SER C 65 12.92 10.48 24.33
C SER C 65 13.51 9.84 23.07
N GLY C 66 12.73 9.94 22.00
CA GLY C 66 13.08 9.38 20.71
C GLY C 66 12.89 7.88 20.64
N ARG C 67 12.23 7.27 21.62
CA ARG C 67 11.92 5.85 21.51
C ARG C 67 10.51 5.70 20.93
N THR C 68 10.40 5.03 19.81
CA THR C 68 9.20 4.59 19.14
C THR C 68 8.93 3.12 19.42
N TRP C 69 7.66 2.84 19.71
CA TRP C 69 7.27 1.44 19.88
C TRP C 69 6.44 0.98 18.66
N ARG C 70 6.62 -0.26 18.25
CA ARG C 70 5.86 -0.91 17.20
C ARG C 70 5.35 -2.28 17.64
N GLU C 71 4.32 -2.81 16.97
CA GLU C 71 3.77 -4.08 17.42
C GLU C 71 3.69 -5.04 16.24
N ALA C 72 3.62 -6.31 16.57
CA ALA C 72 3.41 -7.36 15.59
C ALA C 72 2.57 -8.46 16.21
N ASP C 73 1.64 -9.00 15.43
CA ASP C 73 0.86 -10.14 15.88
C ASP C 73 1.71 -11.40 15.95
N ILE C 74 1.50 -12.19 16.98
CA ILE C 74 2.23 -13.44 17.16
C ILE C 74 1.24 -14.58 17.22
N ASN C 75 1.60 -15.77 16.77
CA ASN C 75 0.75 -16.94 16.81
C ASN C 75 -0.50 -16.84 15.93
N TYR C 76 -0.54 -15.92 14.96
CA TYR C 76 -1.73 -15.86 14.11
C TYR C 76 -1.67 -16.93 13.04
N THR C 77 -2.75 -17.66 12.79
CA THR C 77 -2.80 -18.54 11.63
C THR C 77 -4.00 -18.20 10.75
N SER C 78 -5.20 -18.11 11.33
CA SER C 78 -6.35 -17.67 10.56
C SER C 78 -7.48 -17.20 11.48
N GLY C 79 -8.45 -16.55 10.87
CA GLY C 79 -9.62 -16.03 11.53
C GLY C 79 -9.41 -14.60 12.01
N PHE C 80 -10.15 -14.25 13.06
CA PHE C 80 -9.97 -12.97 13.73
C PHE C 80 -8.61 -12.96 14.41
N ARG C 81 -8.06 -11.77 14.59
CA ARG C 81 -6.78 -11.64 15.26
C ARG C 81 -6.92 -12.08 16.71
N ASN C 82 -5.83 -12.59 17.26
CA ASN C 82 -5.85 -13.12 18.62
C ASN C 82 -5.40 -12.01 19.56
N SER C 83 -5.02 -12.36 20.78
CA SER C 83 -4.62 -11.41 21.78
C SER C 83 -3.11 -11.36 21.94
N ASP C 84 -2.35 -12.06 21.11
CA ASP C 84 -0.90 -12.10 21.32
C ASP C 84 -0.17 -11.10 20.44
N ARG C 85 0.72 -10.32 21.04
CA ARG C 85 1.48 -9.31 20.35
C ARG C 85 2.90 -9.21 20.90
N ILE C 86 3.84 -8.94 19.99
CA ILE C 86 5.17 -8.58 20.46
C ILE C 86 5.30 -7.07 20.29
N LEU C 87 5.88 -6.38 21.26
CA LEU C 87 6.13 -4.95 21.22
C LEU C 87 7.65 -4.75 21.12
N TYR C 88 8.11 -3.95 20.17
CA TYR C 88 9.55 -3.76 19.99
C TYR C 88 9.84 -2.28 19.80
N SER C 89 10.87 -1.80 20.50
CA SER C 89 11.24 -0.40 20.32
C SER C 89 12.34 -0.26 19.28
N SER C 90 12.54 1.00 18.98
CA SER C 90 13.56 1.47 18.07
C SER C 90 14.97 1.19 18.61
N ASP C 91 15.13 0.95 19.91
CA ASP C 91 16.44 0.59 20.45
C ASP C 91 16.43 -0.88 20.86
N TRP C 92 15.48 -1.62 20.28
CA TRP C 92 15.35 -3.06 20.27
C TRP C 92 15.09 -3.72 21.61
N LEU C 93 14.41 -3.01 22.50
CA LEU C 93 13.74 -3.67 23.63
C LEU C 93 12.58 -4.50 23.06
N ILE C 94 12.37 -5.70 23.56
CA ILE C 94 11.28 -6.55 23.12
C ILE C 94 10.46 -6.99 24.35
N TYR C 95 9.17 -6.78 24.25
CA TYR C 95 8.17 -7.12 25.24
C TYR C 95 7.07 -7.96 24.62
N LYS C 96 6.34 -8.72 25.44
CA LYS C 96 5.21 -9.45 24.88
C LYS C 96 3.95 -9.17 25.70
N THR C 97 2.84 -9.37 25.01
CA THR C 97 1.53 -9.33 25.65
C THR C 97 0.70 -10.49 25.12
N THR C 98 -0.02 -11.11 26.03
CA THR C 98 -0.93 -12.17 25.65
C THR C 98 -2.36 -11.80 26.05
N ASP C 99 -2.58 -10.52 26.37
CA ASP C 99 -3.92 -10.15 26.82
C ASP C 99 -4.39 -8.85 26.22
N HIS C 100 -4.14 -8.68 24.92
CA HIS C 100 -4.55 -7.46 24.24
C HIS C 100 -4.01 -6.21 24.91
N TYR C 101 -2.70 -6.17 25.14
CA TYR C 101 -2.07 -4.92 25.55
C TYR C 101 -2.48 -4.52 26.96
N GLN C 102 -3.01 -5.42 27.78
CA GLN C 102 -3.30 -4.99 29.14
C GLN C 102 -2.04 -5.01 30.00
N THR C 103 -1.29 -6.11 29.86
CA THR C 103 -0.05 -6.23 30.58
C THR C 103 1.06 -6.69 29.63
N PHE C 104 2.29 -6.39 29.98
CA PHE C 104 3.45 -6.74 29.18
C PHE C 104 4.56 -7.38 30.01
N THR C 105 5.38 -8.17 29.33
CA THR C 105 6.52 -8.87 29.90
C THR C 105 7.75 -8.68 29.03
N LYS C 106 8.85 -8.24 29.62
CA LYS C 106 10.10 -8.11 28.88
C LYS C 106 10.57 -9.48 28.44
N ILE C 107 10.99 -9.65 27.18
CA ILE C 107 11.50 -10.95 26.76
C ILE C 107 12.85 -10.83 26.06
N ARG C 108 13.28 -9.64 25.69
CA ARG C 108 14.65 -9.39 25.25
C ARG C 108 15.09 -8.02 25.82
ZN ZN D . -5.13 -0.58 29.00
C TOU E . 2.49 -5.04 33.53
S TOU E . 2.75 -3.80 32.35
N1 TOU E . 2.98 -6.22 33.35
N2 TOU E . 1.80 -4.78 34.60
#